data_5LDU
#
_entry.id   5LDU
#
_cell.length_a   160.650
_cell.length_b   160.650
_cell.length_c   53.460
_cell.angle_alpha   90.00
_cell.angle_beta   90.00
_cell.angle_gamma   120.00
#
_symmetry.space_group_name_H-M   'P 65'
#
loop_
_entity.id
_entity.type
_entity.pdbx_description
1 polymer 'Laccase A'
2 branched beta-D-mannopyranose-(1-4)-2-acetamido-2-deoxy-beta-D-glucopyranose-(1-4)-2-acetamido-2-deoxy-beta-D-glucopyranose
3 branched alpha-D-mannopyranose-(1-3)-[alpha-D-mannopyranose-(1-6)]beta-D-mannopyranose-(1-4)-2-acetamido-2-deoxy-beta-D-glucopyranose-(1-4)-2-acetamido-2-deoxy-beta-D-glucopyranose
4 non-polymer 'COPPER (II) ION'
5 non-polymer 2-acetamido-2-deoxy-beta-D-glucopyranose
6 non-polymer GLYCEROL
7 non-polymer 'SODIUM ION'
8 water water
#
_entity_poly.entity_id   1
_entity_poly.type   'polypeptide(L)'
_entity_poly.pdbx_seq_one_letter_code
;AVGPVADLTITDAAVSPDGFSRQAVVVNGVTPGPLVAGNIGDRFQLNVIDNLTNHTMLKSTSIHWHGFFQHGTNWADGPA
FINQCPISPGHSFLYDFQVPDQAGTFWYHSHLSTQYCDGLRGPFVVYDPNDPHASRYDVDNDDTVITLADWYHTAAKLGP
RFPLGADATLINGKGRAPSDTTAELSVIKVTKGKRYRFRLVSLSCDPNHTFSIDGHNLTIIEVDSVNSQPLEVDSIQIFA
AQRYSFVLDANQAVDNYWIRANPNFGNVGFDGGINSAILRYDGAPAVEPTTNQTTSVKPLNEVDLHPLVSTPVPGSPSSG
GVDKAINMAFNFNGSNFFINGASFVPPTVPVLLQILSGAQTAQDLLPSGSVYVLPSNASIEISFPATAAAPGAPHPFHLH
GHTFAVVRSAGSTVYNYDNPIFRDVVSTGTPAAGDNVTIRFDTNNPGPWFLHCHIDFHLEGGFAVVMAEDTPDVKAVNPV
PQAWSDLCPTYDALDPNDQ
;
_entity_poly.pdbx_strand_id   A
#
loop_
_chem_comp.id
_chem_comp.type
_chem_comp.name
_chem_comp.formula
BMA D-saccharide, beta linking beta-D-mannopyranose 'C6 H12 O6'
CU non-polymer 'COPPER (II) ION' 'Cu 2'
GOL non-polymer GLYCEROL 'C3 H8 O3'
MAN D-saccharide, alpha linking alpha-D-mannopyranose 'C6 H12 O6'
NA non-polymer 'SODIUM ION' 'Na 1'
NAG D-saccharide, beta linking 2-acetamido-2-deoxy-beta-D-glucopyranose 'C8 H15 N O6'
#
# COMPACT_ATOMS: atom_id res chain seq x y z
N ALA A 1 13.20 -15.18 -0.71
CA ALA A 1 13.31 -13.79 -0.13
C ALA A 1 14.73 -13.25 -0.38
N VAL A 2 14.84 -12.06 -0.96
CA VAL A 2 16.10 -11.33 -0.98
C VAL A 2 16.16 -10.31 0.17
N GLY A 3 17.34 -9.74 0.44
CA GLY A 3 17.49 -8.66 1.47
C GLY A 3 18.14 -9.20 2.73
N PRO A 4 18.62 -8.33 3.63
CA PRO A 4 18.39 -6.87 3.60
C PRO A 4 19.28 -6.10 2.61
N VAL A 5 20.30 -6.76 2.07
CA VAL A 5 21.19 -6.20 1.08
C VAL A 5 20.94 -6.90 -0.26
N ALA A 6 20.61 -6.18 -1.33
CA ALA A 6 20.21 -6.88 -2.55
C ALA A 6 20.15 -5.95 -3.71
N ASP A 7 20.30 -6.51 -4.89
CA ASP A 7 20.01 -5.81 -6.13
C ASP A 7 18.56 -6.07 -6.53
N LEU A 8 17.83 -5.05 -6.96
CA LEU A 8 16.53 -5.31 -7.62
C LEU A 8 16.61 -4.76 -9.04
N THR A 9 16.60 -5.65 -10.03
CA THR A 9 16.78 -5.21 -11.42
C THR A 9 15.44 -5.07 -12.09
N ILE A 10 15.22 -3.89 -12.67
CA ILE A 10 13.97 -3.58 -13.25
C ILE A 10 14.11 -3.61 -14.75
N THR A 11 13.19 -4.35 -15.40
CA THR A 11 13.11 -4.55 -16.86
C THR A 11 11.65 -4.67 -17.34
N ASP A 12 11.43 -4.57 -18.67
CA ASP A 12 10.17 -4.91 -19.34
C ASP A 12 10.25 -6.34 -19.81
N ALA A 13 9.21 -7.13 -19.62
CA ALA A 13 9.20 -8.58 -20.04
C ALA A 13 7.76 -9.03 -20.31
N ALA A 14 7.58 -10.09 -21.10
CA ALA A 14 6.24 -10.65 -21.44
C ALA A 14 5.85 -11.52 -20.29
N VAL A 15 4.62 -11.42 -19.81
CA VAL A 15 4.20 -12.34 -18.74
C VAL A 15 2.76 -12.75 -19.04
N SER A 16 2.27 -13.79 -18.38
CA SER A 16 0.86 -14.14 -18.54
C SER A 16 0.28 -14.74 -17.27
N PRO A 17 0.09 -13.91 -16.24
CA PRO A 17 -0.32 -14.47 -14.93
C PRO A 17 -1.75 -15.09 -14.95
N ASP A 18 -2.56 -14.75 -15.94
CA ASP A 18 -3.90 -15.37 -16.11
C ASP A 18 -4.03 -16.08 -17.47
N GLY A 19 -2.90 -16.36 -18.11
CA GLY A 19 -2.87 -17.10 -19.39
C GLY A 19 -2.84 -16.16 -20.57
N PHE A 20 -3.13 -14.90 -20.38
CA PHE A 20 -3.06 -13.92 -21.49
C PHE A 20 -1.70 -13.21 -21.47
N SER A 21 -1.03 -13.25 -22.61
CA SER A 21 0.30 -12.67 -22.71
C SER A 21 0.38 -11.13 -22.92
N ARG A 22 1.13 -10.42 -22.06
CA ARG A 22 1.33 -8.96 -22.30
C ARG A 22 2.68 -8.48 -21.79
N GLN A 23 3.17 -7.37 -22.36
CA GLN A 23 4.38 -6.70 -21.80
C GLN A 23 4.13 -6.06 -20.42
N ALA A 24 5.10 -6.14 -19.51
CA ALA A 24 4.90 -5.64 -18.12
C ALA A 24 6.23 -5.17 -17.55
N VAL A 25 6.17 -4.39 -16.46
CA VAL A 25 7.35 -4.03 -15.69
C VAL A 25 7.56 -5.09 -14.60
N VAL A 26 8.74 -5.70 -14.55
CA VAL A 26 9.01 -6.85 -13.66
C VAL A 26 10.25 -6.58 -12.80
N VAL A 27 10.39 -7.29 -11.68
CA VAL A 27 11.48 -7.07 -10.77
C VAL A 27 12.21 -8.40 -10.68
N ASN A 28 13.49 -8.39 -11.02
CA ASN A 28 14.25 -9.66 -11.04
C ASN A 28 13.48 -10.70 -11.82
N GLY A 29 12.88 -10.27 -12.94
CA GLY A 29 12.29 -11.21 -13.90
C GLY A 29 10.83 -11.53 -13.58
N VAL A 30 10.30 -11.13 -12.42
CA VAL A 30 8.92 -11.55 -12.15
C VAL A 30 8.01 -10.39 -11.72
N THR A 31 6.71 -10.60 -11.87
CA THR A 31 5.67 -9.72 -11.30
C THR A 31 4.54 -10.60 -10.74
N PRO A 32 4.10 -10.38 -9.49
CA PRO A 32 4.70 -9.44 -8.52
C PRO A 32 6.18 -9.72 -8.26
N GLY A 33 6.92 -8.68 -7.79
CA GLY A 33 8.36 -8.80 -7.48
C GLY A 33 8.59 -9.78 -6.36
N PRO A 34 9.87 -10.13 -6.11
CA PRO A 34 10.13 -11.13 -5.04
C PRO A 34 9.95 -10.52 -3.65
N LEU A 35 9.78 -11.35 -2.64
CA LEU A 35 9.61 -10.90 -1.29
C LEU A 35 10.96 -10.38 -0.82
N VAL A 36 10.97 -9.15 -0.28
CA VAL A 36 12.14 -8.56 0.38
C VAL A 36 11.94 -8.73 1.89
N ALA A 37 12.97 -9.19 2.61
CA ALA A 37 12.80 -9.48 4.05
C ALA A 37 14.02 -9.13 4.86
N GLY A 38 13.78 -8.93 6.16
CA GLY A 38 14.87 -8.67 7.14
C GLY A 38 14.25 -8.74 8.50
N ASN A 39 15.00 -8.31 9.53
CA ASN A 39 14.54 -8.30 10.94
C ASN A 39 14.62 -6.87 11.48
N ILE A 40 13.80 -6.57 12.48
CA ILE A 40 13.81 -5.27 13.10
C ILE A 40 15.26 -4.93 13.52
N GLY A 41 15.65 -3.68 13.27
CA GLY A 41 17.01 -3.23 13.54
C GLY A 41 17.97 -3.36 12.35
N ASP A 42 17.62 -4.13 11.30
CA ASP A 42 18.51 -4.25 10.15
C ASP A 42 18.65 -2.96 9.39
N ARG A 43 19.79 -2.84 8.73
CA ARG A 43 20.00 -1.82 7.74
C ARG A 43 19.69 -2.37 6.33
N PHE A 44 18.78 -1.75 5.57
CA PHE A 44 18.46 -2.23 4.21
C PHE A 44 19.24 -1.47 3.19
N GLN A 45 19.85 -2.20 2.24
CA GLN A 45 20.57 -1.57 1.15
C GLN A 45 20.10 -2.21 -0.13
N LEU A 46 19.15 -1.54 -0.78
CA LEU A 46 18.44 -2.10 -1.91
C LEU A 46 18.84 -1.30 -3.09
N ASN A 47 19.70 -1.93 -3.89
CA ASN A 47 20.24 -1.31 -5.05
C ASN A 47 19.30 -1.51 -6.26
N VAL A 48 18.68 -0.40 -6.70
CA VAL A 48 17.66 -0.48 -7.71
C VAL A 48 18.30 -0.19 -9.07
N ILE A 49 18.25 -1.17 -9.96
CA ILE A 49 18.98 -1.10 -11.20
C ILE A 49 17.96 -0.92 -12.29
N ASP A 50 17.95 0.23 -12.95
CA ASP A 50 16.96 0.49 -13.97
C ASP A 50 17.42 0.07 -15.37
N ASN A 51 16.97 -1.09 -15.83
CA ASN A 51 17.20 -1.47 -17.25
C ASN A 51 15.97 -1.45 -18.12
N LEU A 52 15.07 -0.49 -17.88
CA LEU A 52 13.83 -0.40 -18.67
C LEU A 52 14.05 0.14 -20.08
N THR A 53 13.34 -0.39 -21.08
CA THR A 53 13.54 0.13 -22.44
C THR A 53 12.28 0.68 -23.10
N ASN A 54 11.14 0.49 -22.43
CA ASN A 54 9.86 0.75 -23.06
C ASN A 54 9.18 2.02 -22.49
N HIS A 55 9.19 3.11 -23.27
CA HIS A 55 8.64 4.41 -22.83
C HIS A 55 7.10 4.43 -22.47
N THR A 56 6.30 3.60 -23.15
CA THR A 56 4.87 3.53 -22.90
C THR A 56 4.65 3.18 -21.40
N MET A 57 5.57 2.43 -20.80
CA MET A 57 5.37 2.02 -19.42
C MET A 57 6.38 2.72 -18.51
N LEU A 58 7.00 3.78 -19.10
CA LEU A 58 8.06 4.67 -18.58
C LEU A 58 9.41 3.99 -18.44
N LYS A 59 10.45 4.61 -18.93
CA LYS A 59 11.83 4.03 -18.77
C LYS A 59 12.52 4.47 -17.51
N SER A 60 12.10 5.63 -16.96
CA SER A 60 12.53 6.01 -15.60
C SER A 60 11.74 5.22 -14.55
N THR A 61 12.16 5.32 -13.29
CA THR A 61 11.43 4.68 -12.22
C THR A 61 11.85 5.22 -10.86
N SER A 62 11.11 4.88 -9.81
CA SER A 62 11.39 5.32 -8.46
C SER A 62 10.62 4.39 -7.53
N ILE A 63 11.23 3.90 -6.45
CA ILE A 63 10.56 2.90 -5.59
C ILE A 63 10.28 3.45 -4.17
N HIS A 64 9.05 3.27 -3.69
CA HIS A 64 8.63 3.57 -2.30
C HIS A 64 8.49 2.25 -1.51
N TRP A 65 8.95 2.30 -0.26
CA TRP A 65 8.95 1.21 0.68
C TRP A 65 7.79 1.58 1.61
N HIS A 66 6.63 0.98 1.35
CA HIS A 66 5.37 1.44 1.89
C HIS A 66 5.19 1.09 3.37
N GLY A 67 5.06 2.12 4.19
CA GLY A 67 4.86 1.91 5.60
C GLY A 67 6.06 2.20 6.47
N PHE A 68 7.23 2.39 5.88
CA PHE A 68 8.41 2.64 6.72
C PHE A 68 8.52 4.10 7.07
N PHE A 69 8.93 4.42 8.32
CA PHE A 69 8.96 5.80 8.78
C PHE A 69 10.01 6.64 8.06
N GLN A 70 11.14 5.99 7.66
CA GLN A 70 12.30 6.68 7.01
C GLN A 70 12.84 7.87 7.85
N HIS A 71 12.84 7.75 9.17
CA HIS A 71 13.37 8.85 9.98
C HIS A 71 14.83 9.14 9.65
N GLY A 72 15.15 10.38 9.25
CA GLY A 72 16.54 10.73 8.89
C GLY A 72 16.91 10.33 7.47
N THR A 73 16.00 9.63 6.76
CA THR A 73 16.27 9.22 5.36
C THR A 73 15.11 9.61 4.42
N ASN A 74 14.57 10.83 4.55
CA ASN A 74 13.38 11.25 3.81
C ASN A 74 13.69 11.11 2.27
N TRP A 75 14.98 11.27 1.90
CA TRP A 75 15.45 11.17 0.50
C TRP A 75 15.21 9.80 -0.13
N ALA A 76 15.10 8.78 0.72
CA ALA A 76 14.91 7.41 0.22
C ALA A 76 13.43 6.99 0.17
N ASP A 77 12.49 7.90 0.45
CA ASP A 77 11.07 7.48 0.59
C ASP A 77 10.48 7.04 -0.74
N GLY A 78 10.87 7.68 -1.83
CA GLY A 78 10.38 7.25 -3.17
C GLY A 78 9.52 8.13 -4.09
N PRO A 79 8.49 8.86 -3.58
CA PRO A 79 7.58 9.54 -4.50
C PRO A 79 8.26 10.56 -5.46
N ALA A 80 8.07 10.37 -6.76
CA ALA A 80 8.66 11.22 -7.78
C ALA A 80 8.25 12.68 -7.60
N PHE A 81 9.27 13.55 -7.61
CA PHE A 81 9.11 15.02 -7.45
C PHE A 81 8.64 15.45 -6.07
N ILE A 82 8.62 14.48 -5.15
CA ILE A 82 8.39 14.84 -3.75
C ILE A 82 9.66 14.57 -2.99
N ASN A 83 10.17 13.34 -3.10
CA ASN A 83 11.36 12.97 -2.33
C ASN A 83 12.60 12.74 -3.19
N GLN A 84 12.43 12.68 -4.52
CA GLN A 84 13.59 12.50 -5.40
C GLN A 84 13.17 12.81 -6.83
N CYS A 85 14.15 13.02 -7.73
CA CYS A 85 13.82 12.85 -9.18
C CYS A 85 13.87 11.33 -9.52
N PRO A 86 13.15 10.88 -10.59
CA PRO A 86 13.28 9.45 -10.98
C PRO A 86 14.71 9.01 -11.30
N ILE A 87 15.02 7.74 -11.02
CA ILE A 87 16.16 7.03 -11.61
C ILE A 87 16.02 7.01 -13.10
N SER A 88 17.11 7.30 -13.83
CA SER A 88 17.02 7.33 -15.33
C SER A 88 17.36 5.94 -15.93
N PRO A 89 16.92 5.64 -17.17
CA PRO A 89 17.17 4.31 -17.73
C PRO A 89 18.68 4.11 -17.88
N GLY A 90 19.16 2.90 -17.57
CA GLY A 90 20.62 2.61 -17.56
C GLY A 90 21.40 3.13 -16.33
N HIS A 91 20.72 3.72 -15.34
CA HIS A 91 21.36 4.08 -14.07
C HIS A 91 20.85 3.22 -12.91
N SER A 92 21.54 3.23 -11.77
CA SER A 92 21.07 2.52 -10.57
C SER A 92 21.06 3.52 -9.45
N PHE A 93 20.35 3.21 -8.36
CA PHE A 93 20.33 4.08 -7.21
C PHE A 93 20.22 3.24 -5.93
N LEU A 94 21.10 3.48 -4.96
CA LEU A 94 21.09 2.70 -3.73
C LEU A 94 20.15 3.36 -2.69
N TYR A 95 19.03 2.70 -2.36
CA TYR A 95 18.18 3.12 -1.24
C TYR A 95 18.74 2.47 0.02
N ASP A 96 19.22 3.31 0.91
CA ASP A 96 19.98 2.86 2.10
C ASP A 96 19.37 3.42 3.35
N PHE A 97 18.66 2.60 4.11
CA PHE A 97 17.89 3.08 5.25
C PHE A 97 17.85 2.02 6.35
N GLN A 98 17.39 2.41 7.54
CA GLN A 98 17.30 1.49 8.70
C GLN A 98 15.88 1.42 9.23
N VAL A 99 15.56 0.30 9.88
CA VAL A 99 14.25 0.03 10.44
C VAL A 99 14.45 -0.28 11.92
N PRO A 100 14.75 0.76 12.73
CA PRO A 100 15.12 0.48 14.12
C PRO A 100 13.94 0.13 15.03
N ASP A 101 12.72 0.52 14.64
CA ASP A 101 11.63 0.64 15.59
C ASP A 101 10.34 0.17 14.98
N GLN A 102 10.41 -0.56 13.88
CA GLN A 102 9.22 -1.17 13.29
C GLN A 102 9.42 -2.65 12.97
N ALA A 103 8.35 -3.42 13.05
CA ALA A 103 8.37 -4.77 12.53
C ALA A 103 6.96 -4.98 11.95
N GLY A 104 6.83 -5.89 10.97
CA GLY A 104 5.49 -6.24 10.43
C GLY A 104 5.48 -6.52 8.93
N THR A 105 4.31 -6.37 8.35
CA THR A 105 4.07 -6.67 6.93
C THR A 105 3.98 -5.35 6.11
N PHE A 106 4.80 -5.21 5.05
CA PHE A 106 4.92 -3.97 4.28
C PHE A 106 4.92 -4.36 2.80
N TRP A 107 5.21 -3.44 1.90
CA TRP A 107 5.39 -3.80 0.51
C TRP A 107 6.16 -2.69 -0.19
N TYR A 108 6.52 -2.86 -1.45
CA TYR A 108 7.24 -1.84 -2.17
C TYR A 108 6.56 -1.74 -3.57
N HIS A 109 6.70 -0.59 -4.22
CA HIS A 109 6.04 -0.35 -5.47
C HIS A 109 6.64 0.88 -6.15
N SER A 110 6.56 0.92 -7.46
CA SER A 110 6.94 2.17 -8.12
C SER A 110 6.11 3.33 -7.56
N HIS A 111 6.71 4.51 -7.41
CA HIS A 111 5.95 5.72 -6.98
C HIS A 111 6.20 6.81 -8.03
N LEU A 112 6.15 6.38 -9.32
CA LEU A 112 6.25 7.25 -10.49
C LEU A 112 5.00 7.02 -11.32
N SER A 113 4.25 8.10 -11.59
CA SER A 113 2.99 7.98 -12.35
C SER A 113 2.19 6.69 -11.96
N THR A 114 1.69 5.92 -12.94
CA THR A 114 0.89 4.74 -12.62
C THR A 114 1.67 3.47 -12.96
N GLN A 115 3.00 3.55 -12.93
CA GLN A 115 3.89 2.43 -13.24
C GLN A 115 3.67 1.20 -12.32
N TYR A 116 3.16 1.34 -11.09
CA TYR A 116 3.07 0.08 -10.30
C TYR A 116 1.96 -0.84 -10.80
N CYS A 117 0.97 -0.23 -11.42
CA CYS A 117 -0.12 -0.97 -12.07
C CYS A 117 0.36 -1.86 -13.16
N ASP A 118 1.47 -1.47 -13.81
CA ASP A 118 2.02 -2.27 -14.93
C ASP A 118 2.96 -3.38 -14.43
N GLY A 119 3.13 -3.50 -13.11
CA GLY A 119 3.84 -4.61 -12.57
C GLY A 119 4.87 -4.36 -11.50
N LEU A 120 5.30 -3.11 -11.30
CA LEU A 120 6.40 -2.90 -10.34
C LEU A 120 5.90 -2.78 -8.91
N ARG A 121 5.77 -3.96 -8.25
CA ARG A 121 5.20 -4.10 -6.86
C ARG A 121 5.47 -5.50 -6.28
N GLY A 122 5.64 -5.59 -4.96
CA GLY A 122 5.86 -6.90 -4.32
C GLY A 122 5.87 -6.70 -2.81
N PRO A 123 5.86 -7.81 -2.05
CA PRO A 123 5.69 -7.74 -0.59
C PRO A 123 7.04 -7.59 0.11
N PHE A 124 7.04 -7.22 1.39
CA PHE A 124 8.28 -6.80 2.09
C PHE A 124 7.92 -7.05 3.55
N VAL A 125 8.70 -7.91 4.24
CA VAL A 125 8.38 -8.31 5.62
C VAL A 125 9.57 -8.07 6.54
N VAL A 126 9.29 -7.52 7.71
CA VAL A 126 10.35 -7.33 8.69
C VAL A 126 10.01 -8.19 9.90
N TYR A 127 10.78 -9.26 10.14
CA TYR A 127 10.42 -10.19 11.23
C TYR A 127 10.89 -9.61 12.56
N ASP A 128 10.14 -9.95 13.61
CA ASP A 128 10.53 -9.63 14.98
C ASP A 128 10.88 -10.92 15.77
N PRO A 129 12.18 -11.18 16.10
CA PRO A 129 12.52 -12.42 16.88
C PRO A 129 11.86 -12.50 18.27
N ASN A 130 11.32 -11.39 18.77
CA ASN A 130 10.50 -11.40 19.99
C ASN A 130 9.05 -11.04 19.73
N ASP A 131 8.53 -11.36 18.54
CA ASP A 131 7.15 -10.97 18.21
C ASP A 131 6.20 -11.33 19.38
N PRO A 132 5.41 -10.37 19.93
CA PRO A 132 4.53 -10.77 21.07
C PRO A 132 3.42 -11.78 20.70
N HIS A 133 3.19 -12.05 19.42
CA HIS A 133 2.16 -13.01 19.03
C HIS A 133 2.75 -14.35 18.65
N ALA A 134 4.06 -14.51 18.76
CA ALA A 134 4.76 -15.69 18.25
C ALA A 134 4.16 -17.00 18.74
N SER A 135 3.65 -17.01 19.96
CA SER A 135 3.04 -18.23 20.50
C SER A 135 1.65 -18.58 19.91
N ARG A 136 1.11 -17.80 18.98
CA ARG A 136 -0.22 -18.14 18.37
C ARG A 136 -0.16 -18.97 17.10
N TYR A 137 1.02 -19.27 16.60
CA TYR A 137 1.14 -20.01 15.32
C TYR A 137 2.40 -20.82 15.31
N ASP A 138 2.51 -21.74 14.33
CA ASP A 138 3.73 -22.55 14.20
C ASP A 138 4.54 -22.17 12.94
N VAL A 139 3.91 -21.71 11.86
CA VAL A 139 4.65 -21.44 10.60
C VAL A 139 4.46 -19.96 10.19
N ASP A 140 5.55 -19.31 9.76
CA ASP A 140 5.54 -17.92 9.28
C ASP A 140 6.77 -17.81 8.41
N ASN A 141 6.63 -17.85 7.09
CA ASN A 141 7.80 -17.87 6.20
C ASN A 141 7.35 -17.39 4.84
N ASP A 142 8.19 -17.52 3.83
CA ASP A 142 7.85 -17.10 2.47
C ASP A 142 6.53 -17.67 1.98
N ASP A 143 6.22 -18.93 2.35
CA ASP A 143 5.02 -19.57 1.86
C ASP A 143 3.77 -19.08 2.63
N THR A 144 3.88 -18.14 3.58
CA THR A 144 2.66 -17.72 4.29
C THR A 144 2.33 -16.28 3.89
N VAL A 145 3.02 -15.77 2.88
CA VAL A 145 2.67 -14.44 2.37
C VAL A 145 1.60 -14.60 1.28
N ILE A 146 0.49 -13.89 1.37
CA ILE A 146 -0.52 -13.96 0.35
C ILE A 146 -0.69 -12.53 -0.32
N THR A 147 -0.39 -12.38 -1.59
CA THR A 147 -0.60 -11.09 -2.20
C THR A 147 -1.86 -11.11 -3.06
N LEU A 148 -2.58 -9.98 -3.09
CA LEU A 148 -3.67 -9.74 -4.02
C LEU A 148 -3.29 -8.58 -4.96
N ALA A 149 -3.71 -8.67 -6.22
CA ALA A 149 -3.40 -7.66 -7.19
C ALA A 149 -4.48 -7.62 -8.29
N ASP A 150 -4.87 -6.42 -8.75
CA ASP A 150 -5.66 -6.24 -9.96
C ASP A 150 -4.75 -6.40 -11.20
N TRP A 151 -5.24 -7.08 -12.25
CA TRP A 151 -4.49 -7.26 -13.48
C TRP A 151 -5.35 -6.84 -14.67
N TYR A 152 -4.71 -6.06 -15.56
CA TYR A 152 -5.35 -5.48 -16.74
C TYR A 152 -4.65 -5.98 -17.99
N HIS A 153 -5.46 -6.28 -19.01
CA HIS A 153 -4.90 -6.73 -20.29
C HIS A 153 -4.36 -5.59 -21.13
N THR A 154 -4.89 -4.37 -20.94
CA THR A 154 -4.36 -3.13 -21.57
C THR A 154 -3.52 -2.34 -20.57
N ALA A 155 -2.33 -1.90 -21.01
CA ALA A 155 -1.42 -1.14 -20.13
C ALA A 155 -2.05 0.14 -19.53
N ALA A 156 -1.52 0.54 -18.37
CA ALA A 156 -2.01 1.75 -17.68
C ALA A 156 -2.13 2.95 -18.57
N LYS A 157 -1.11 3.31 -19.34
CA LYS A 157 -1.20 4.49 -20.19
C LYS A 157 -2.07 4.30 -21.47
N LEU A 158 -2.53 3.08 -21.76
CA LEU A 158 -3.21 2.81 -23.04
C LEU A 158 -4.70 2.55 -22.88
N GLY A 159 -5.20 2.27 -21.66
CA GLY A 159 -6.65 2.04 -21.45
C GLY A 159 -7.38 3.30 -20.98
N PRO A 160 -8.62 3.17 -20.50
CA PRO A 160 -9.28 4.40 -20.00
C PRO A 160 -8.47 5.07 -18.86
N ARG A 161 -8.68 6.37 -18.71
CA ARG A 161 -8.14 7.15 -17.63
C ARG A 161 -8.54 6.57 -16.26
N PHE A 162 -9.80 6.16 -16.15
CA PHE A 162 -10.28 5.56 -14.92
C PHE A 162 -10.93 4.22 -15.23
N PRO A 163 -10.13 3.12 -15.25
CA PRO A 163 -10.68 1.79 -15.64
C PRO A 163 -11.89 1.32 -14.79
N LEU A 164 -12.81 0.57 -15.39
CA LEU A 164 -14.03 0.12 -14.72
C LEU A 164 -13.79 -1.25 -14.01
N GLY A 165 -12.61 -1.42 -13.41
CA GLY A 165 -12.21 -2.69 -12.81
C GLY A 165 -11.26 -3.50 -13.69
N ALA A 166 -10.75 -4.58 -13.14
CA ALA A 166 -9.64 -5.27 -13.73
C ALA A 166 -10.18 -6.46 -14.51
N ASP A 167 -9.37 -7.01 -15.39
CA ASP A 167 -9.75 -8.22 -16.07
C ASP A 167 -9.69 -9.45 -15.13
N ALA A 168 -8.70 -9.47 -14.25
CA ALA A 168 -8.58 -10.57 -13.26
C ALA A 168 -8.03 -10.09 -11.92
N THR A 169 -8.48 -10.73 -10.83
CA THR A 169 -7.79 -10.63 -9.56
C THR A 169 -6.77 -11.77 -9.52
N LEU A 170 -5.54 -11.44 -9.14
CA LEU A 170 -4.48 -12.44 -8.96
C LEU A 170 -4.15 -12.66 -7.44
N ILE A 171 -4.00 -13.95 -7.04
CA ILE A 171 -3.67 -14.29 -5.68
C ILE A 171 -2.34 -15.00 -5.82
N ASN A 172 -1.34 -14.54 -5.07
CA ASN A 172 0.05 -14.96 -5.31
C ASN A 172 0.39 -15.07 -6.77
N GLY A 173 0.09 -14.01 -7.54
CA GLY A 173 0.60 -13.96 -8.92
C GLY A 173 -0.21 -14.62 -10.02
N LYS A 174 -1.29 -15.33 -9.66
CA LYS A 174 -2.10 -16.08 -10.63
C LYS A 174 -3.61 -15.92 -10.40
N GLY A 175 -4.42 -16.12 -11.45
CA GLY A 175 -5.87 -16.04 -11.35
C GLY A 175 -6.51 -16.16 -12.72
N ARG A 176 -7.84 -16.20 -12.80
CA ARG A 176 -8.51 -16.28 -14.12
C ARG A 176 -9.27 -15.03 -14.45
N ALA A 177 -9.24 -14.70 -15.73
CA ALA A 177 -10.23 -13.84 -16.39
C ALA A 177 -11.36 -14.69 -17.00
N PRO A 178 -12.58 -14.12 -17.08
CA PRO A 178 -13.73 -14.86 -17.67
C PRO A 178 -13.46 -15.44 -19.07
N SER A 179 -12.54 -14.84 -19.81
CA SER A 179 -12.18 -15.34 -21.14
C SER A 179 -11.30 -16.63 -21.10
N ASP A 180 -10.75 -17.00 -19.95
CA ASP A 180 -10.10 -18.33 -19.89
C ASP A 180 -10.13 -18.88 -18.50
N THR A 181 -11.14 -19.69 -18.23
CA THR A 181 -11.34 -20.18 -16.89
C THR A 181 -10.63 -21.52 -16.64
N THR A 182 -9.67 -21.87 -17.50
CA THR A 182 -8.86 -23.02 -17.20
C THR A 182 -7.43 -22.61 -16.79
N ALA A 183 -7.11 -21.31 -16.74
CA ALA A 183 -5.71 -20.92 -16.37
C ALA A 183 -5.42 -21.40 -14.95
N GLU A 184 -4.15 -21.68 -14.71
CA GLU A 184 -3.65 -22.28 -13.53
C GLU A 184 -3.87 -21.33 -12.36
N LEU A 185 -4.32 -21.88 -11.26
CA LEU A 185 -4.63 -21.11 -10.04
C LEU A 185 -3.51 -21.26 -9.06
N SER A 186 -3.33 -20.30 -8.13
CA SER A 186 -2.34 -20.48 -7.03
C SER A 186 -2.82 -21.50 -6.00
N VAL A 187 -1.90 -22.28 -5.41
CA VAL A 187 -2.18 -23.21 -4.34
C VAL A 187 -1.40 -22.73 -3.12
N ILE A 188 -2.04 -22.58 -1.97
CA ILE A 188 -1.34 -22.37 -0.70
C ILE A 188 -1.47 -23.66 0.15
N LYS A 189 -0.35 -24.22 0.58
CA LYS A 189 -0.32 -25.46 1.34
C LYS A 189 -0.36 -25.25 2.83
N VAL A 190 -1.20 -26.04 3.52
CA VAL A 190 -1.10 -26.19 4.96
C VAL A 190 -1.05 -27.67 5.37
N THR A 191 -0.45 -27.95 6.53
CA THR A 191 -0.49 -29.29 7.18
C THR A 191 -1.53 -29.38 8.29
N LYS A 192 -2.46 -30.35 8.20
CA LYS A 192 -3.46 -30.52 9.26
C LYS A 192 -2.74 -30.57 10.59
N GLY A 193 -3.33 -29.87 11.57
CA GLY A 193 -2.84 -29.80 12.94
C GLY A 193 -1.86 -28.66 13.24
N LYS A 194 -1.30 -28.01 12.21
CA LYS A 194 -0.40 -26.86 12.44
C LYS A 194 -1.18 -25.50 12.31
N ARG A 195 -0.67 -24.44 12.95
CA ARG A 195 -1.26 -23.09 12.87
C ARG A 195 -0.38 -22.11 12.03
N TYR A 196 -1.02 -21.27 11.18
CA TYR A 196 -0.28 -20.42 10.18
C TYR A 196 -0.48 -18.91 10.45
N ARG A 197 0.63 -18.18 10.43
CA ARG A 197 0.57 -16.71 10.34
C ARG A 197 0.52 -16.29 8.87
N PHE A 198 -0.67 -16.08 8.34
CA PHE A 198 -0.82 -15.61 6.96
C PHE A 198 -0.71 -14.07 6.90
N ARG A 199 0.11 -13.61 5.96
CA ARG A 199 0.41 -12.17 5.83
C ARG A 199 -0.20 -11.73 4.52
N LEU A 200 -1.42 -11.18 4.64
CA LEU A 200 -2.23 -10.71 3.49
C LEU A 200 -1.92 -9.26 3.07
N VAL A 201 -1.42 -9.07 1.85
CA VAL A 201 -0.95 -7.77 1.37
C VAL A 201 -1.72 -7.36 0.14
N SER A 202 -2.33 -6.19 0.16
CA SER A 202 -3.05 -5.72 -1.06
C SER A 202 -2.06 -4.95 -1.92
N LEU A 203 -1.75 -5.49 -3.11
CA LEU A 203 -0.93 -4.78 -4.09
C LEU A 203 -1.79 -4.03 -5.12
N SER A 204 -3.07 -3.80 -4.78
CA SER A 204 -4.05 -3.35 -5.76
C SER A 204 -3.79 -1.90 -6.24
N CYS A 205 -4.08 -1.65 -7.51
CA CYS A 205 -4.03 -0.30 -8.06
C CYS A 205 -5.32 0.46 -7.89
N ASP A 206 -6.38 -0.25 -7.50
CA ASP A 206 -7.72 0.32 -7.54
C ASP A 206 -8.80 -0.48 -6.72
N PRO A 207 -9.30 -1.65 -7.24
CA PRO A 207 -10.42 -2.32 -6.52
C PRO A 207 -10.01 -2.64 -5.10
N ASN A 208 -10.99 -2.62 -4.18
CA ASN A 208 -10.79 -3.27 -2.87
C ASN A 208 -11.25 -4.76 -3.02
N HIS A 209 -10.91 -5.61 -2.04
CA HIS A 209 -11.25 -7.03 -2.14
C HIS A 209 -11.90 -7.53 -0.84
N THR A 210 -12.90 -8.39 -0.99
CA THR A 210 -13.51 -9.04 0.14
C THR A 210 -12.97 -10.45 0.24
N PHE A 211 -12.17 -10.70 1.26
CA PHE A 211 -11.36 -11.91 1.37
C PHE A 211 -11.92 -12.85 2.43
N SER A 212 -12.03 -14.14 2.02
CA SER A 212 -12.52 -15.24 2.86
C SER A 212 -12.00 -16.59 2.39
N ILE A 213 -11.92 -17.56 3.31
CA ILE A 213 -11.50 -18.95 3.05
C ILE A 213 -12.65 -19.90 3.50
N ASP A 214 -13.22 -20.69 2.56
CA ASP A 214 -14.33 -21.67 2.84
C ASP A 214 -13.95 -22.52 4.06
N GLY A 215 -14.90 -22.77 4.95
CA GLY A 215 -14.69 -23.64 6.13
C GLY A 215 -13.74 -23.22 7.23
N HIS A 216 -13.24 -21.97 7.20
CA HIS A 216 -12.24 -21.55 8.20
C HIS A 216 -12.53 -20.12 8.71
N ASN A 217 -12.30 -19.87 9.99
CA ASN A 217 -12.38 -18.53 10.55
C ASN A 217 -10.96 -18.01 10.66
N LEU A 218 -10.79 -16.69 10.75
CA LEU A 218 -9.45 -16.12 10.74
C LEU A 218 -9.25 -15.27 11.99
N THR A 219 -8.06 -15.35 12.60
CA THR A 219 -7.83 -14.51 13.78
C THR A 219 -6.88 -13.40 13.48
N ILE A 220 -7.39 -12.17 13.42
CA ILE A 220 -6.55 -10.99 13.03
C ILE A 220 -5.63 -10.62 14.17
N ILE A 221 -4.32 -10.56 13.89
CA ILE A 221 -3.31 -10.14 14.89
C ILE A 221 -2.44 -8.90 14.53
N GLU A 222 -2.55 -8.43 13.29
CA GLU A 222 -1.75 -7.27 12.82
C GLU A 222 -2.56 -6.48 11.79
N VAL A 223 -2.49 -5.14 11.86
CA VAL A 223 -3.24 -4.21 11.00
C VAL A 223 -2.22 -3.26 10.38
N ASP A 224 -2.09 -3.33 9.05
CA ASP A 224 -0.99 -2.63 8.40
C ASP A 224 0.30 -3.05 9.14
N SER A 225 1.00 -2.17 9.85
CA SER A 225 2.17 -2.76 10.53
C SER A 225 2.08 -2.72 12.06
N VAL A 226 0.85 -2.68 12.57
CA VAL A 226 0.61 -2.48 13.99
C VAL A 226 0.02 -3.76 14.58
N ASN A 227 0.67 -4.30 15.59
CA ASN A 227 0.08 -5.43 16.37
C ASN A 227 -1.26 -5.11 17.02
N SER A 228 -2.26 -5.96 16.80
CA SER A 228 -3.58 -5.75 17.38
C SER A 228 -3.91 -6.80 18.47
N GLN A 229 -4.92 -6.55 19.31
CA GLN A 229 -5.63 -7.62 20.03
C GLN A 229 -6.22 -8.60 19.03
N PRO A 230 -6.25 -9.91 19.38
CA PRO A 230 -6.69 -10.96 18.42
C PRO A 230 -8.13 -10.74 18.12
N LEU A 231 -8.54 -10.74 16.85
CA LEU A 231 -9.95 -10.49 16.59
C LEU A 231 -10.42 -11.58 15.68
N GLU A 232 -11.44 -12.34 16.07
CA GLU A 232 -11.82 -13.46 15.24
C GLU A 232 -12.82 -13.03 14.19
N VAL A 233 -12.58 -13.31 12.93
CA VAL A 233 -13.56 -12.90 11.92
C VAL A 233 -13.79 -14.05 10.93
N ASP A 234 -14.77 -13.91 10.04
CA ASP A 234 -14.90 -14.87 8.94
C ASP A 234 -14.82 -14.24 7.53
N SER A 235 -14.61 -12.92 7.42
CA SER A 235 -14.27 -12.28 6.16
C SER A 235 -13.56 -10.99 6.44
N ILE A 236 -12.82 -10.50 5.44
CA ILE A 236 -12.05 -9.29 5.60
C ILE A 236 -12.16 -8.44 4.34
N GLN A 237 -12.78 -7.27 4.43
CA GLN A 237 -12.68 -6.33 3.32
C GLN A 237 -11.34 -5.56 3.42
N ILE A 238 -10.46 -5.69 2.45
CA ILE A 238 -9.13 -5.11 2.51
C ILE A 238 -9.01 -4.09 1.33
N PHE A 239 -8.61 -2.83 1.66
CA PHE A 239 -8.55 -1.78 0.66
C PHE A 239 -7.13 -1.74 0.08
N ALA A 240 -7.02 -1.20 -1.14
CA ALA A 240 -5.72 -1.03 -1.82
C ALA A 240 -4.65 -0.59 -0.83
N ALA A 241 -3.54 -1.35 -0.81
CA ALA A 241 -2.32 -1.00 -0.09
C ALA A 241 -2.36 -1.34 1.39
N GLN A 242 -3.52 -1.73 1.90
CA GLN A 242 -3.59 -2.23 3.29
C GLN A 242 -2.92 -3.62 3.45
N ARG A 243 -2.65 -4.00 4.71
CA ARG A 243 -2.18 -5.35 5.08
C ARG A 243 -2.85 -5.85 6.38
N TYR A 244 -3.08 -7.18 6.51
CA TYR A 244 -3.43 -7.79 7.80
C TYR A 244 -2.60 -9.07 7.97
N SER A 245 -2.23 -9.41 9.23
CA SER A 245 -1.81 -10.77 9.57
C SER A 245 -2.98 -11.47 10.23
N PHE A 246 -3.28 -12.67 9.76
CA PHE A 246 -4.29 -13.47 10.45
C PHE A 246 -3.74 -14.89 10.69
N VAL A 247 -4.10 -15.46 11.83
CA VAL A 247 -3.80 -16.86 12.12
C VAL A 247 -4.90 -17.78 11.55
N LEU A 248 -4.50 -18.83 10.86
CA LEU A 248 -5.45 -19.86 10.44
C LEU A 248 -4.98 -21.16 11.08
N ASP A 249 -5.90 -21.77 11.80
CA ASP A 249 -5.66 -23.08 12.40
C ASP A 249 -6.08 -24.20 11.39
N ALA A 250 -5.12 -24.92 10.81
CA ALA A 250 -5.48 -25.95 9.80
C ALA A 250 -6.05 -27.21 10.50
N ASN A 251 -7.30 -27.14 10.94
CA ASN A 251 -7.82 -28.24 11.75
C ASN A 251 -9.09 -28.86 11.18
N GLN A 252 -9.45 -28.51 9.94
CA GLN A 252 -10.61 -29.09 9.25
C GLN A 252 -10.21 -30.42 8.60
N ALA A 253 -11.10 -31.07 7.87
CA ALA A 253 -10.73 -32.35 7.20
C ALA A 253 -9.66 -32.11 6.11
N VAL A 254 -8.79 -33.10 5.86
CA VAL A 254 -7.81 -33.00 4.77
C VAL A 254 -8.53 -32.83 3.42
N ASP A 255 -8.36 -31.67 2.77
CA ASP A 255 -9.16 -31.37 1.60
C ASP A 255 -8.64 -30.08 0.88
N ASN A 256 -9.25 -29.77 -0.26
CA ASN A 256 -9.10 -28.50 -0.98
C ASN A 256 -10.23 -27.47 -0.65
N TYR A 257 -9.86 -26.27 -0.16
CA TYR A 257 -10.86 -25.22 0.18
C TYR A 257 -10.65 -23.98 -0.69
N TRP A 258 -11.73 -23.37 -1.19
CA TRP A 258 -11.62 -22.15 -1.98
C TRP A 258 -11.15 -20.95 -1.11
N ILE A 259 -10.10 -20.26 -1.59
CA ILE A 259 -9.74 -18.91 -1.09
C ILE A 259 -10.36 -17.85 -2.04
N ARG A 260 -11.11 -16.89 -1.49
CA ARG A 260 -11.87 -15.96 -2.33
C ARG A 260 -11.49 -14.51 -2.08
N ALA A 261 -11.40 -13.71 -3.14
CA ALA A 261 -11.07 -12.29 -3.00
C ALA A 261 -11.93 -11.56 -4.01
N ASN A 262 -13.11 -11.08 -3.57
CA ASN A 262 -14.08 -10.56 -4.48
C ASN A 262 -13.89 -9.03 -4.62
N PRO A 263 -13.58 -8.53 -5.83
CA PRO A 263 -13.39 -7.07 -5.99
C PRO A 263 -14.72 -6.32 -5.89
N ASN A 264 -14.68 -5.07 -5.41
CA ASN A 264 -15.93 -4.26 -5.35
C ASN A 264 -16.52 -3.97 -6.74
N PHE A 265 -15.73 -4.03 -7.80
CA PHE A 265 -16.30 -3.84 -9.14
C PHE A 265 -15.32 -4.48 -10.13
N GLY A 266 -15.77 -4.63 -11.39
CA GLY A 266 -15.04 -5.28 -12.47
C GLY A 266 -15.76 -6.57 -12.82
N ASN A 267 -15.07 -7.72 -12.81
CA ASN A 267 -15.76 -9.03 -12.88
C ASN A 267 -15.90 -9.63 -11.46
N VAL A 268 -17.11 -9.51 -10.86
CA VAL A 268 -17.38 -9.91 -9.52
C VAL A 268 -17.84 -11.38 -9.42
N GLY A 269 -17.87 -11.93 -8.20
CA GLY A 269 -18.28 -13.35 -8.08
C GLY A 269 -17.25 -14.38 -8.50
N PHE A 270 -17.65 -15.62 -8.78
CA PHE A 270 -16.70 -16.73 -8.82
C PHE A 270 -16.94 -17.73 -9.97
N ASP A 271 -17.77 -17.36 -10.94
CA ASP A 271 -18.14 -18.30 -11.96
C ASP A 271 -16.82 -18.74 -12.64
N GLY A 272 -16.56 -20.04 -12.73
CA GLY A 272 -15.39 -20.57 -13.45
C GLY A 272 -14.10 -20.40 -12.63
N GLY A 273 -14.22 -20.11 -11.37
CA GLY A 273 -12.98 -19.96 -10.56
C GLY A 273 -12.25 -18.61 -10.63
N ILE A 274 -12.87 -17.60 -11.25
CA ILE A 274 -12.33 -16.22 -11.12
C ILE A 274 -12.26 -15.75 -9.63
N ASN A 275 -11.38 -14.77 -9.34
CA ASN A 275 -11.30 -14.21 -7.99
C ASN A 275 -11.04 -15.25 -6.88
N SER A 276 -10.33 -16.33 -7.23
CA SER A 276 -10.07 -17.50 -6.36
C SER A 276 -8.64 -18.05 -6.44
N ALA A 277 -8.22 -18.64 -5.31
CA ALA A 277 -7.05 -19.50 -5.21
C ALA A 277 -7.52 -20.77 -4.41
N ILE A 278 -6.56 -21.64 -4.08
CA ILE A 278 -6.81 -22.95 -3.44
C ILE A 278 -6.01 -23.12 -2.13
N LEU A 279 -6.71 -23.32 -1.02
CA LEU A 279 -6.05 -23.81 0.21
C LEU A 279 -6.11 -25.35 0.18
N ARG A 280 -4.93 -25.98 0.12
CA ARG A 280 -4.77 -27.41 0.00
C ARG A 280 -4.03 -27.98 1.20
N TYR A 281 -4.74 -28.80 2.00
CA TYR A 281 -4.12 -29.61 3.06
C TYR A 281 -3.18 -30.66 2.45
N ASP A 282 -1.99 -30.89 3.04
CA ASP A 282 -1.11 -32.00 2.62
C ASP A 282 -1.89 -33.30 2.61
N GLY A 283 -1.82 -34.01 1.49
CA GLY A 283 -2.56 -35.25 1.32
C GLY A 283 -3.72 -35.11 0.34
N ALA A 284 -4.35 -33.93 0.28
CA ALA A 284 -5.52 -33.78 -0.55
C ALA A 284 -5.10 -33.90 -2.03
N PRO A 285 -5.98 -34.42 -2.91
CA PRO A 285 -5.56 -34.54 -4.31
C PRO A 285 -5.34 -33.15 -5.01
N ALA A 286 -4.55 -33.13 -6.10
CA ALA A 286 -4.25 -31.86 -6.79
C ALA A 286 -5.44 -31.46 -7.67
N VAL A 287 -6.58 -31.11 -7.10
CA VAL A 287 -7.75 -30.77 -7.94
C VAL A 287 -8.37 -29.44 -7.37
N GLU A 288 -9.40 -28.92 -8.04
CA GLU A 288 -10.12 -27.75 -7.55
C GLU A 288 -11.00 -28.14 -6.37
N PRO A 289 -11.16 -27.23 -5.38
CA PRO A 289 -12.16 -27.38 -4.30
C PRO A 289 -13.57 -27.38 -4.92
N THR A 290 -14.52 -27.97 -4.21
CA THR A 290 -15.91 -27.96 -4.60
C THR A 290 -16.65 -27.40 -3.38
N THR A 291 -15.95 -26.74 -2.47
CA THR A 291 -16.60 -26.21 -1.24
C THR A 291 -17.51 -25.04 -1.56
N ASN A 292 -18.42 -24.72 -0.65
CA ASN A 292 -19.41 -23.65 -0.88
C ASN A 292 -19.12 -22.51 0.05
N GLN A 293 -19.39 -21.31 -0.43
CA GLN A 293 -19.26 -20.13 0.44
C GLN A 293 -20.47 -20.14 1.37
N THR A 294 -20.30 -19.93 2.67
CA THR A 294 -21.43 -19.62 3.58
C THR A 294 -21.45 -18.11 3.94
N THR A 295 -22.60 -17.56 4.34
CA THR A 295 -22.74 -16.13 4.61
C THR A 295 -21.82 -15.73 5.74
N SER A 296 -21.04 -14.67 5.53
CA SER A 296 -20.17 -14.13 6.56
C SER A 296 -21.05 -13.61 7.72
N VAL A 297 -20.86 -14.11 8.93
CA VAL A 297 -21.68 -13.64 10.03
C VAL A 297 -20.79 -12.88 11.01
N LYS A 298 -19.49 -12.80 10.73
CA LYS A 298 -18.55 -12.18 11.67
C LYS A 298 -17.56 -11.36 10.86
N PRO A 299 -18.04 -10.54 9.88
CA PRO A 299 -17.10 -9.77 9.02
C PRO A 299 -16.25 -8.79 9.87
N LEU A 300 -15.00 -8.55 9.50
CA LEU A 300 -14.17 -7.51 10.11
C LEU A 300 -14.90 -6.16 10.03
N ASN A 301 -14.95 -5.45 11.17
CA ASN A 301 -15.33 -4.03 11.26
C ASN A 301 -14.12 -3.28 11.90
N GLU A 302 -13.61 -2.25 11.24
CA GLU A 302 -12.41 -1.52 11.75
C GLU A 302 -12.57 -0.98 13.18
N VAL A 303 -13.81 -0.61 13.60
CA VAL A 303 -14.00 -0.06 14.96
C VAL A 303 -13.81 -1.17 15.99
N ASP A 304 -13.82 -2.43 15.56
CA ASP A 304 -13.56 -3.55 16.50
C ASP A 304 -12.07 -3.82 16.69
N LEU A 305 -11.16 -3.25 15.87
CA LEU A 305 -9.70 -3.48 16.04
C LEU A 305 -9.13 -2.53 17.09
N HIS A 306 -8.23 -3.03 17.97
CA HIS A 306 -7.60 -2.19 19.00
C HIS A 306 -6.11 -2.60 19.09
N PRO A 307 -5.20 -1.65 19.38
CA PRO A 307 -3.78 -2.10 19.42
C PRO A 307 -3.49 -3.07 20.57
N LEU A 308 -2.53 -3.96 20.33
CA LEU A 308 -2.09 -4.94 21.33
C LEU A 308 -1.59 -4.22 22.57
N VAL A 309 -0.70 -3.25 22.43
CA VAL A 309 -0.33 -2.47 23.62
C VAL A 309 -1.04 -1.09 23.67
N SER A 310 -1.60 -0.74 24.81
CA SER A 310 -2.16 0.57 25.05
C SER A 310 -1.36 1.71 24.42
N THR A 311 -1.99 2.53 23.60
CA THR A 311 -1.23 3.63 22.93
C THR A 311 -2.19 4.81 22.92
N PRO A 312 -1.85 5.89 23.65
CA PRO A 312 -2.76 7.03 23.75
C PRO A 312 -2.94 7.73 22.38
N VAL A 313 -4.13 8.20 22.10
CA VAL A 313 -4.37 8.93 20.88
C VAL A 313 -3.65 10.32 21.04
N PRO A 314 -3.02 10.87 19.98
CA PRO A 314 -2.49 12.24 20.12
C PRO A 314 -3.55 13.27 20.52
N GLY A 315 -3.17 14.29 21.32
CA GLY A 315 -4.11 15.37 21.59
C GLY A 315 -5.02 15.15 22.77
N SER A 316 -6.04 16.00 22.93
CA SER A 316 -6.98 15.91 24.04
C SER A 316 -8.25 15.25 23.49
N PRO A 317 -9.02 14.50 24.33
CA PRO A 317 -10.10 13.68 23.75
C PRO A 317 -11.37 14.42 23.39
N SER A 318 -11.29 15.44 22.55
CA SER A 318 -12.51 16.05 22.01
C SER A 318 -12.16 16.60 20.62
N SER A 319 -13.18 16.90 19.82
CA SER A 319 -13.03 17.29 18.41
C SER A 319 -12.19 18.57 18.27
N GLY A 320 -11.27 18.60 17.32
CA GLY A 320 -10.23 19.66 17.32
C GLY A 320 -9.29 19.86 18.52
N GLY A 321 -9.33 18.94 19.52
CA GLY A 321 -8.35 18.94 20.63
C GLY A 321 -6.90 18.63 20.24
N VAL A 322 -6.33 19.39 19.27
CA VAL A 322 -4.98 19.14 18.75
C VAL A 322 -4.30 20.49 18.45
N ASP A 323 -2.99 20.52 18.16
CA ASP A 323 -2.32 21.76 17.71
C ASP A 323 -2.79 22.22 16.30
N LYS A 324 -3.16 21.32 15.42
CA LYS A 324 -3.50 21.80 14.09
C LYS A 324 -4.50 20.84 13.47
N ALA A 325 -5.66 21.38 13.08
CA ALA A 325 -6.80 20.61 12.57
C ALA A 325 -6.88 20.95 11.07
N ILE A 326 -6.86 19.98 10.14
CA ILE A 326 -6.97 20.29 8.70
C ILE A 326 -8.13 19.43 8.12
N ASN A 327 -9.06 20.12 7.48
CA ASN A 327 -10.17 19.50 6.78
C ASN A 327 -9.89 19.41 5.28
N MET A 328 -10.07 18.21 4.72
CA MET A 328 -9.77 18.00 3.30
C MET A 328 -11.07 17.98 2.50
N ALA A 329 -11.36 19.05 1.75
CA ALA A 329 -12.61 19.10 0.98
C ALA A 329 -12.38 18.55 -0.43
N PHE A 330 -13.14 17.52 -0.81
CA PHE A 330 -12.95 16.87 -2.13
C PHE A 330 -13.81 17.49 -3.24
N ASN A 331 -13.25 17.61 -4.45
CA ASN A 331 -14.00 17.89 -5.68
C ASN A 331 -13.45 17.08 -6.88
N PHE A 332 -14.24 17.02 -7.97
CA PHE A 332 -13.84 16.28 -9.16
C PHE A 332 -14.58 16.84 -10.35
N ASN A 333 -13.89 17.05 -11.48
CA ASN A 333 -14.48 17.69 -12.64
C ASN A 333 -14.61 16.83 -13.84
N GLY A 334 -14.48 15.51 -13.68
CA GLY A 334 -14.59 14.58 -14.84
C GLY A 334 -13.22 14.01 -15.24
N SER A 335 -12.14 14.78 -15.09
CA SER A 335 -10.83 14.27 -15.46
C SER A 335 -9.84 14.43 -14.33
N ASN A 336 -10.13 15.31 -13.38
CA ASN A 336 -9.19 15.60 -12.30
C ASN A 336 -9.84 15.70 -10.93
N PHE A 337 -9.12 15.25 -9.90
CA PHE A 337 -9.55 15.37 -8.50
C PHE A 337 -8.91 16.62 -7.87
N PHE A 338 -9.56 17.19 -6.84
CA PHE A 338 -9.08 18.37 -6.13
C PHE A 338 -9.20 18.20 -4.63
N ILE A 339 -8.26 18.78 -3.91
CA ILE A 339 -8.35 18.77 -2.45
C ILE A 339 -8.21 20.23 -2.03
N ASN A 340 -9.19 20.70 -1.27
CA ASN A 340 -9.37 22.13 -0.98
C ASN A 340 -9.10 23.01 -2.20
N GLY A 341 -9.70 22.69 -3.36
CA GLY A 341 -9.58 23.58 -4.52
C GLY A 341 -8.35 23.43 -5.41
N ALA A 342 -7.38 22.54 -5.11
CA ALA A 342 -6.15 22.38 -5.87
C ALA A 342 -5.97 20.88 -6.31
N SER A 343 -5.75 20.71 -7.62
CA SER A 343 -5.44 19.37 -8.16
C SER A 343 -3.91 19.27 -8.23
N PHE A 344 -3.31 18.22 -7.61
CA PHE A 344 -1.90 18.10 -7.56
C PHE A 344 -1.21 17.92 -8.92
N VAL A 345 -0.14 18.72 -9.17
CA VAL A 345 0.73 18.63 -10.37
C VAL A 345 2.20 18.64 -9.87
N PRO A 346 2.97 17.62 -10.23
CA PRO A 346 4.27 17.55 -9.56
C PRO A 346 5.14 18.76 -9.89
N PRO A 347 5.95 19.23 -8.94
CA PRO A 347 6.82 20.41 -9.23
C PRO A 347 8.09 20.00 -10.08
N THR A 348 8.80 20.95 -10.69
CA THR A 348 10.06 20.64 -11.43
C THR A 348 11.24 20.22 -10.52
N VAL A 349 11.37 20.96 -9.43
CA VAL A 349 12.33 20.66 -8.39
C VAL A 349 11.62 19.83 -7.30
N PRO A 350 12.11 18.60 -6.99
CA PRO A 350 11.42 17.84 -5.91
C PRO A 350 11.22 18.64 -4.57
N VAL A 351 10.04 18.52 -3.94
CA VAL A 351 9.76 19.22 -2.66
C VAL A 351 10.98 19.18 -1.69
N LEU A 352 11.62 18.01 -1.55
CA LEU A 352 12.73 17.88 -0.61
C LEU A 352 13.91 18.81 -1.05
N LEU A 353 14.19 18.79 -2.36
CA LEU A 353 15.25 19.64 -2.90
C LEU A 353 14.95 21.16 -2.75
N GLN A 354 13.70 21.55 -2.91
CA GLN A 354 13.29 22.94 -2.61
C GLN A 354 13.65 23.28 -1.13
N ILE A 355 13.35 22.36 -0.21
CA ILE A 355 13.56 22.63 1.21
C ILE A 355 15.07 22.71 1.51
N LEU A 356 15.83 21.75 1.00
CA LEU A 356 17.26 21.80 1.17
C LEU A 356 17.82 23.11 0.59
N SER A 357 17.25 23.60 -0.50
CA SER A 357 17.66 24.87 -1.10
C SER A 357 17.03 26.11 -0.44
N GLY A 358 16.51 25.94 0.76
CA GLY A 358 16.09 27.10 1.55
C GLY A 358 14.57 27.26 1.72
N ALA A 359 13.74 26.57 0.92
CA ALA A 359 12.27 26.88 1.02
C ALA A 359 11.65 26.25 2.27
N GLN A 360 11.04 27.06 3.11
CA GLN A 360 10.48 26.54 4.37
C GLN A 360 9.03 26.87 4.69
N THR A 361 8.50 27.86 4.01
CA THR A 361 7.12 28.32 4.26
C THR A 361 6.17 27.87 3.12
N ALA A 362 4.88 27.84 3.44
CA ALA A 362 3.84 27.54 2.52
C ALA A 362 3.92 28.48 1.32
N GLN A 363 4.28 29.73 1.58
CA GLN A 363 4.44 30.77 0.56
C GLN A 363 5.55 30.42 -0.48
N ASP A 364 6.69 29.92 -0.04
CA ASP A 364 7.82 29.59 -0.89
C ASP A 364 7.76 28.21 -1.60
N LEU A 365 6.98 27.29 -1.08
CA LEU A 365 7.02 25.89 -1.54
C LEU A 365 6.06 25.65 -2.65
N LEU A 366 6.47 24.83 -3.59
CA LEU A 366 5.64 24.53 -4.78
C LEU A 366 5.30 23.04 -4.78
N PRO A 367 4.10 22.68 -5.32
CA PRO A 367 3.13 23.54 -6.02
C PRO A 367 2.24 24.29 -5.06
N SER A 368 1.98 25.58 -5.34
CA SER A 368 1.15 26.49 -4.50
C SER A 368 -0.23 25.92 -4.30
N GLY A 369 -0.71 25.88 -3.07
CA GLY A 369 -2.05 25.45 -2.69
C GLY A 369 -2.16 23.96 -2.40
N SER A 370 -1.03 23.24 -2.55
CA SER A 370 -0.96 21.80 -2.24
C SER A 370 0.03 21.34 -1.18
N VAL A 371 0.79 22.27 -0.59
CA VAL A 371 1.74 21.97 0.45
C VAL A 371 1.31 22.54 1.80
N TYR A 372 1.24 21.72 2.86
CA TYR A 372 0.78 22.17 4.18
C TYR A 372 1.97 22.18 5.15
N VAL A 373 2.35 23.33 5.75
CA VAL A 373 3.55 23.36 6.62
C VAL A 373 3.06 23.02 8.02
N LEU A 374 3.60 21.98 8.63
CA LEU A 374 3.12 21.51 9.94
C LEU A 374 4.21 21.85 10.98
N PRO A 375 3.79 22.26 12.21
CA PRO A 375 4.72 22.61 13.30
C PRO A 375 5.29 21.29 13.83
N SER A 376 6.39 21.40 14.54
CA SER A 376 7.17 20.26 14.91
C SER A 376 6.68 19.73 16.25
N ASN A 377 6.68 18.42 16.46
CA ASN A 377 6.41 17.91 17.79
C ASN A 377 4.98 18.29 18.28
N ALA A 378 3.99 18.18 17.38
CA ALA A 378 2.64 18.67 17.58
C ALA A 378 1.69 17.58 17.19
N SER A 379 0.44 17.69 17.67
CA SER A 379 -0.63 16.77 17.30
C SER A 379 -1.43 17.36 16.14
N ILE A 380 -1.78 16.52 15.17
CA ILE A 380 -2.46 16.94 13.95
C ILE A 380 -3.74 16.10 13.81
N GLU A 381 -4.86 16.70 13.44
CA GLU A 381 -6.06 15.96 13.13
C GLU A 381 -6.52 16.29 11.72
N ILE A 382 -6.72 15.25 10.91
CA ILE A 382 -7.15 15.45 9.53
C ILE A 382 -8.45 14.73 9.29
N SER A 383 -9.43 15.43 8.69
CA SER A 383 -10.72 14.81 8.42
C SER A 383 -10.91 14.85 6.91
N PHE A 384 -11.62 13.84 6.40
CA PHE A 384 -11.78 13.62 4.97
C PHE A 384 -13.26 13.40 4.66
N PRO A 385 -14.10 14.42 4.85
CA PRO A 385 -15.55 14.16 4.71
C PRO A 385 -15.97 13.57 3.35
N ALA A 386 -16.76 12.48 3.38
CA ALA A 386 -17.18 11.84 2.13
C ALA A 386 -18.14 12.77 1.42
N THR A 387 -18.06 12.83 0.09
CA THR A 387 -19.03 13.69 -0.63
C THR A 387 -19.28 13.05 -2.00
N ALA A 388 -20.49 13.19 -2.55
CA ALA A 388 -20.79 12.86 -3.99
C ALA A 388 -19.91 13.63 -4.96
N ALA A 389 -19.34 14.77 -4.56
CA ALA A 389 -18.39 15.55 -5.37
C ALA A 389 -17.14 14.75 -5.75
N ALA A 390 -16.91 13.58 -5.12
CA ALA A 390 -15.73 12.76 -5.44
C ALA A 390 -16.06 11.28 -5.76
N PRO A 391 -16.51 11.02 -7.01
CA PRO A 391 -16.85 9.67 -7.49
C PRO A 391 -15.66 8.71 -7.33
N GLY A 392 -15.96 7.42 -7.36
CA GLY A 392 -14.93 6.38 -7.25
C GLY A 392 -14.67 6.05 -5.78
N ALA A 393 -15.64 6.37 -4.90
CA ALA A 393 -15.52 6.10 -3.41
C ALA A 393 -15.67 4.58 -3.20
N PRO A 394 -15.17 4.00 -2.12
CA PRO A 394 -14.42 4.56 -1.01
C PRO A 394 -12.91 4.78 -1.38
N HIS A 395 -12.44 6.00 -1.13
CA HIS A 395 -11.04 6.35 -1.41
C HIS A 395 -10.19 5.97 -0.22
N PRO A 396 -9.26 5.04 -0.44
CA PRO A 396 -8.35 4.71 0.67
C PRO A 396 -7.12 5.67 0.70
N PHE A 397 -7.04 6.52 1.73
CA PHE A 397 -5.96 7.50 1.91
C PHE A 397 -4.77 6.95 2.69
N HIS A 398 -3.58 7.35 2.27
CA HIS A 398 -2.32 6.87 2.83
C HIS A 398 -1.50 8.09 3.19
N LEU A 399 -0.95 8.04 4.41
CA LEU A 399 -0.01 9.08 4.84
C LEU A 399 1.38 8.49 4.88
N HIS A 400 2.34 9.10 4.16
CA HIS A 400 3.75 8.65 4.24
C HIS A 400 4.41 9.08 5.58
N GLY A 401 5.49 8.40 5.99
CA GLY A 401 6.26 8.94 7.13
C GLY A 401 5.63 8.67 8.49
N HIS A 402 4.44 8.08 8.52
CA HIS A 402 3.65 8.01 9.76
C HIS A 402 2.68 6.88 9.82
N THR A 403 2.50 6.34 11.02
CA THR A 403 1.28 5.59 11.40
C THR A 403 0.36 6.57 12.09
N PHE A 404 -0.96 6.46 11.88
CA PHE A 404 -1.92 7.41 12.51
C PHE A 404 -3.03 6.71 13.31
N ALA A 405 -3.68 7.39 14.25
CA ALA A 405 -4.88 6.86 14.96
C ALA A 405 -6.14 7.12 14.14
N VAL A 406 -6.94 6.09 13.97
CA VAL A 406 -8.21 6.26 13.27
C VAL A 406 -9.28 6.58 14.33
N VAL A 407 -9.47 7.88 14.59
CA VAL A 407 -10.43 8.28 15.64
C VAL A 407 -11.87 8.11 15.15
N ARG A 408 -12.10 8.12 13.83
CA ARG A 408 -13.41 7.79 13.30
C ARG A 408 -13.27 7.01 12.01
N SER A 409 -13.85 5.80 12.00
CA SER A 409 -13.78 4.87 10.83
C SER A 409 -14.95 5.00 9.87
N ALA A 410 -14.79 4.48 8.65
CA ALA A 410 -15.89 4.41 7.65
C ALA A 410 -16.98 3.51 8.21
N GLY A 411 -18.25 3.82 7.94
CA GLY A 411 -19.34 3.01 8.41
C GLY A 411 -19.63 3.20 9.89
N SER A 412 -19.01 4.19 10.54
CA SER A 412 -19.25 4.45 11.96
C SER A 412 -19.50 5.97 12.20
N THR A 413 -20.49 6.33 13.05
CA THR A 413 -20.74 7.73 13.39
C THR A 413 -20.14 8.14 14.77
N VAL A 414 -19.36 7.26 15.34
CA VAL A 414 -18.77 7.41 16.66
C VAL A 414 -17.29 7.89 16.51
N TYR A 415 -16.82 8.67 17.48
CA TYR A 415 -15.42 9.06 17.56
C TYR A 415 -14.84 8.26 18.73
N ASN A 416 -13.68 7.62 18.57
CA ASN A 416 -13.06 6.92 19.67
C ASN A 416 -11.68 7.55 19.99
N TYR A 417 -11.61 8.33 21.08
CA TYR A 417 -10.33 8.97 21.54
C TYR A 417 -9.57 8.12 22.59
N ASP A 418 -10.10 6.93 22.83
CA ASP A 418 -9.62 6.07 23.90
C ASP A 418 -8.68 4.98 23.35
N ASN A 419 -9.18 4.02 22.57
CA ASN A 419 -8.32 2.94 22.11
C ASN A 419 -8.48 2.51 20.61
N PRO A 420 -8.65 3.46 19.68
CA PRO A 420 -8.79 3.03 18.27
C PRO A 420 -7.48 2.41 17.70
N ILE A 421 -7.62 1.64 16.63
CA ILE A 421 -6.44 1.12 15.92
C ILE A 421 -5.55 2.26 15.32
N PHE A 422 -4.25 2.04 15.24
CA PHE A 422 -3.36 2.89 14.41
C PHE A 422 -3.05 2.09 13.15
N ARG A 423 -2.89 2.76 12.00
CA ARG A 423 -2.57 2.08 10.74
C ARG A 423 -2.00 3.14 9.80
N ASP A 424 -1.84 2.83 8.51
CA ASP A 424 -1.25 3.77 7.60
C ASP A 424 -2.02 3.94 6.29
N VAL A 425 -3.04 3.12 6.06
CA VAL A 425 -3.98 3.35 4.93
C VAL A 425 -5.39 3.15 5.44
N VAL A 426 -6.30 4.09 5.14
CA VAL A 426 -7.66 4.06 5.73
C VAL A 426 -8.74 4.39 4.69
N SER A 427 -9.77 3.53 4.57
CA SER A 427 -10.91 3.86 3.68
C SER A 427 -11.57 5.10 4.20
N THR A 428 -11.83 6.08 3.30
CA THR A 428 -12.61 7.25 3.69
C THR A 428 -14.14 7.07 3.47
N GLY A 429 -14.59 5.84 3.17
CA GLY A 429 -16.06 5.50 3.20
C GLY A 429 -16.86 6.19 2.09
N THR A 430 -18.12 6.46 2.34
CA THR A 430 -19.00 6.92 1.25
C THR A 430 -20.00 7.99 1.74
N PRO A 431 -20.51 8.81 0.82
CA PRO A 431 -21.53 9.82 1.19
C PRO A 431 -22.87 9.21 1.61
N ALA A 432 -23.20 8.03 1.05
CA ALA A 432 -24.40 7.25 1.46
C ALA A 432 -24.37 6.92 2.97
N ALA A 433 -23.19 6.67 3.52
CA ALA A 433 -23.03 6.45 5.00
C ALA A 433 -22.90 7.78 5.80
N GLY A 434 -22.90 8.93 5.14
CA GLY A 434 -22.58 10.17 5.87
C GLY A 434 -21.19 10.18 6.51
N ASP A 435 -20.18 9.55 5.89
CA ASP A 435 -18.86 9.37 6.50
C ASP A 435 -18.04 10.65 6.67
N ASN A 436 -17.30 10.68 7.78
CA ASN A 436 -16.28 11.72 8.05
C ASN A 436 -15.07 11.08 8.73
N VAL A 437 -14.37 10.22 7.99
CA VAL A 437 -13.19 9.50 8.52
C VAL A 437 -12.20 10.51 9.04
N THR A 438 -11.63 10.27 10.22
CA THR A 438 -10.80 11.27 10.87
C THR A 438 -9.59 10.59 11.54
N ILE A 439 -8.38 11.18 11.38
CA ILE A 439 -7.17 10.55 11.84
C ILE A 439 -6.35 11.55 12.67
N ARG A 440 -5.48 11.07 13.55
CA ARG A 440 -4.50 11.93 14.27
C ARG A 440 -3.12 11.32 14.25
N PHE A 441 -2.11 12.18 14.20
CA PHE A 441 -0.71 11.78 14.35
C PHE A 441 0.13 12.90 15.00
N ASP A 442 1.31 12.56 15.51
CA ASP A 442 2.28 13.51 16.04
C ASP A 442 3.41 13.83 15.02
N THR A 443 3.87 15.06 14.98
CA THR A 443 4.91 15.41 14.00
C THR A 443 6.34 15.23 14.55
N ASN A 444 6.81 13.99 14.67
CA ASN A 444 8.20 13.83 15.06
C ASN A 444 9.05 13.23 13.96
N ASN A 445 8.78 13.63 12.73
CA ASN A 445 9.54 13.08 11.60
C ASN A 445 9.78 14.18 10.56
N PRO A 446 10.83 15.01 10.78
CA PRO A 446 11.08 16.10 9.82
C PRO A 446 11.22 15.64 8.35
N GLY A 447 10.41 16.19 7.46
CA GLY A 447 10.49 15.91 6.03
C GLY A 447 9.20 16.24 5.32
N PRO A 448 9.26 16.37 3.98
CA PRO A 448 7.99 16.51 3.24
C PRO A 448 7.43 15.11 3.08
N TRP A 449 6.17 14.88 3.41
CA TRP A 449 5.59 13.51 3.30
C TRP A 449 4.33 13.54 2.45
N PHE A 450 4.18 12.59 1.53
CA PHE A 450 3.00 12.54 0.63
C PHE A 450 1.73 12.08 1.40
N LEU A 451 0.59 12.67 1.02
CA LEU A 451 -0.72 12.28 1.59
C LEU A 451 -1.69 12.23 0.42
N HIS A 452 -2.18 11.04 0.10
CA HIS A 452 -2.88 10.86 -1.17
C HIS A 452 -3.82 9.65 -1.18
N CYS A 453 -4.77 9.65 -2.13
CA CYS A 453 -5.62 8.47 -2.37
C CYS A 453 -4.76 7.39 -2.97
N HIS A 454 -4.79 6.16 -2.40
CA HIS A 454 -3.94 5.05 -2.92
C HIS A 454 -4.59 4.32 -4.11
N ILE A 455 -5.68 4.83 -4.67
CA ILE A 455 -6.13 4.38 -6.02
C ILE A 455 -5.26 5.12 -7.03
N ASP A 456 -4.38 4.37 -7.69
CA ASP A 456 -3.30 4.99 -8.45
C ASP A 456 -3.81 5.91 -9.55
N PHE A 457 -4.97 5.57 -10.15
CA PHE A 457 -5.55 6.44 -11.22
C PHE A 457 -6.06 7.76 -10.65
N HIS A 458 -6.52 7.74 -9.40
CA HIS A 458 -6.90 8.98 -8.68
C HIS A 458 -5.66 9.86 -8.40
N LEU A 459 -4.61 9.19 -7.91
CA LEU A 459 -3.31 9.82 -7.70
C LEU A 459 -2.79 10.50 -9.01
N GLU A 460 -2.79 9.77 -10.13
CA GLU A 460 -2.47 10.33 -11.45
C GLU A 460 -3.41 11.49 -11.80
N GLY A 461 -4.71 11.40 -11.47
CA GLY A 461 -5.65 12.52 -11.63
C GLY A 461 -5.44 13.70 -10.64
N GLY A 462 -4.46 13.62 -9.73
CA GLY A 462 -4.10 14.76 -8.88
C GLY A 462 -4.68 14.73 -7.45
N PHE A 463 -5.16 13.56 -7.00
CA PHE A 463 -5.81 13.46 -5.66
C PHE A 463 -4.75 13.32 -4.55
N ALA A 464 -4.07 14.42 -4.24
CA ALA A 464 -2.86 14.37 -3.35
C ALA A 464 -2.54 15.75 -2.80
N VAL A 465 -1.95 15.78 -1.60
CA VAL A 465 -1.26 16.98 -1.09
C VAL A 465 0.07 16.55 -0.41
N VAL A 466 0.83 17.56 0.06
CA VAL A 466 2.12 17.31 0.74
C VAL A 466 2.08 17.87 2.18
N MET A 467 2.45 17.03 3.17
CA MET A 467 2.66 17.49 4.58
C MET A 467 4.16 17.84 4.71
N ALA A 468 4.50 19.14 4.82
CA ALA A 468 5.90 19.58 4.89
C ALA A 468 6.14 19.74 6.40
N GLU A 469 6.70 18.70 7.03
CA GLU A 469 6.78 18.63 8.47
C GLU A 469 8.10 19.20 9.05
N ASP A 470 8.00 20.15 9.99
CA ASP A 470 9.20 20.74 10.66
C ASP A 470 10.26 21.22 9.67
N THR A 471 9.87 22.05 8.72
CA THR A 471 10.84 22.48 7.71
C THR A 471 12.16 23.11 8.20
N PRO A 472 12.15 23.84 9.35
CA PRO A 472 13.53 24.33 9.75
C PRO A 472 14.58 23.21 10.05
N ASP A 473 14.18 21.99 10.39
CA ASP A 473 15.18 20.94 10.69
C ASP A 473 15.38 19.91 9.58
N VAL A 474 14.63 19.99 8.47
CA VAL A 474 14.70 18.96 7.46
C VAL A 474 16.15 18.75 6.96
N LYS A 475 16.86 19.83 6.66
CA LYS A 475 18.22 19.71 6.10
C LYS A 475 19.17 19.06 7.09
N ALA A 476 19.11 19.48 8.36
CA ALA A 476 20.04 18.97 9.37
C ALA A 476 19.72 17.47 9.61
N VAL A 477 18.42 17.10 9.66
CA VAL A 477 17.96 15.74 10.06
C VAL A 477 18.12 14.70 8.90
N ASN A 478 18.03 15.12 7.64
CA ASN A 478 18.18 14.21 6.53
C ASN A 478 19.40 14.47 5.59
N PRO A 479 20.65 14.27 6.06
CA PRO A 479 21.78 14.47 5.11
C PRO A 479 21.57 13.57 3.87
N VAL A 480 21.95 14.00 2.69
CA VAL A 480 21.64 13.23 1.46
C VAL A 480 22.93 12.74 0.80
N PRO A 481 22.90 11.55 0.19
CA PRO A 481 24.16 11.06 -0.44
C PRO A 481 24.36 11.71 -1.80
N GLN A 482 25.59 11.73 -2.28
CA GLN A 482 25.89 12.35 -3.57
C GLN A 482 25.05 11.73 -4.69
N ALA A 483 24.75 10.44 -4.58
CA ALA A 483 24.08 9.75 -5.71
C ALA A 483 22.66 10.32 -5.83
N TRP A 484 22.07 10.71 -4.68
CA TRP A 484 20.80 11.44 -4.67
C TRP A 484 20.91 12.83 -5.33
N SER A 485 21.91 13.63 -4.93
CA SER A 485 22.03 14.97 -5.53
C SER A 485 22.19 14.86 -7.06
N ASP A 486 22.69 13.72 -7.60
CA ASP A 486 22.94 13.53 -9.07
C ASP A 486 21.68 13.08 -9.80
N LEU A 487 20.64 12.66 -9.07
CA LEU A 487 19.43 12.19 -9.79
C LEU A 487 18.77 13.21 -10.71
N CYS A 488 18.60 14.44 -10.22
CA CYS A 488 17.82 15.44 -10.98
C CYS A 488 18.51 15.95 -12.28
N PRO A 489 19.80 16.32 -12.20
CA PRO A 489 20.58 16.61 -13.44
C PRO A 489 20.55 15.50 -14.50
N THR A 490 20.76 14.26 -14.12
CA THR A 490 20.67 13.16 -15.11
C THR A 490 19.28 13.04 -15.63
N TYR A 491 18.28 13.12 -14.74
CA TYR A 491 16.89 12.94 -15.18
C TYR A 491 16.52 14.09 -16.10
N ASP A 492 16.77 15.32 -15.67
CA ASP A 492 16.35 16.50 -16.48
C ASP A 492 17.15 16.59 -17.80
N ALA A 493 18.33 15.99 -17.87
CA ALA A 493 19.02 15.98 -19.14
C ALA A 493 18.39 14.98 -20.12
N LEU A 494 17.39 14.17 -19.75
CA LEU A 494 16.93 13.12 -20.70
C LEU A 494 16.08 13.66 -21.83
N ASP A 495 16.14 13.08 -23.04
CA ASP A 495 15.07 13.25 -24.04
C ASP A 495 13.70 12.81 -23.49
N PRO A 496 12.60 13.57 -23.76
CA PRO A 496 11.26 13.20 -23.31
C PRO A 496 10.91 11.77 -23.60
N ASN A 497 11.33 11.25 -24.75
CA ASN A 497 10.95 9.87 -25.08
C ASN A 497 11.69 8.85 -24.27
N ASP A 498 12.72 9.26 -23.54
CA ASP A 498 13.46 8.34 -22.71
C ASP A 498 13.02 8.44 -21.25
N GLN A 499 12.04 9.28 -20.95
CA GLN A 499 11.41 9.26 -19.60
C GLN A 499 10.64 7.98 -19.31
C1 NAG B . 5.78 -1.40 -24.67
C2 NAG B . 5.65 -2.48 -25.77
C3 NAG B . 4.27 -2.45 -26.40
C4 NAG B . 3.20 -2.47 -25.30
C5 NAG B . 3.47 -1.46 -24.20
C6 NAG B . 2.40 -1.54 -23.09
C7 NAG B . 7.44 -3.32 -27.13
C8 NAG B . 8.42 -2.98 -28.21
N2 NAG B . 6.64 -2.34 -26.81
O3 NAG B . 4.17 -3.62 -27.17
O4 NAG B . 2.00 -2.11 -25.90
O5 NAG B . 4.78 -1.58 -23.67
O6 NAG B . 2.30 -2.80 -22.50
O7 NAG B . 7.40 -4.43 -26.57
C1 NAG B . 1.32 -3.24 -26.52
C2 NAG B . -0.07 -3.50 -25.96
C3 NAG B . -0.85 -4.30 -26.99
C4 NAG B . -0.84 -3.60 -28.36
C5 NAG B . 0.63 -3.44 -28.76
C6 NAG B . 1.01 -2.93 -30.17
C7 NAG B . -0.70 -3.67 -23.60
C8 NAG B . -0.55 -4.42 -22.31
N2 NAG B . -0.01 -4.14 -24.64
O3 NAG B . -2.17 -4.53 -26.55
O4 NAG B . -1.49 -4.43 -29.29
O5 NAG B . 1.22 -2.61 -27.79
O6 NAG B . 0.13 -1.87 -30.41
O7 NAG B . -1.45 -2.68 -23.68
C1 BMA B . -2.57 -3.99 -30.15
C2 BMA B . -2.78 -4.85 -31.41
C3 BMA B . -3.89 -4.22 -32.30
C4 BMA B . -5.15 -3.92 -31.46
C5 BMA B . -4.80 -3.13 -30.18
C6 BMA B . -5.98 -2.69 -29.28
O2 BMA B . -3.07 -6.13 -30.91
O3 BMA B . -4.21 -4.89 -33.51
O4 BMA B . -6.04 -3.19 -32.26
O5 BMA B . -3.80 -3.84 -29.45
O6 BMA B . -6.79 -3.75 -28.76
C1 NAG C . -16.04 16.55 9.27
C2 NAG C . -17.14 17.61 9.17
C3 NAG C . -16.53 19.00 9.27
C4 NAG C . -15.63 19.19 10.47
C5 NAG C . -14.56 18.07 10.29
C6 NAG C . -13.45 18.20 11.33
C7 NAG C . -18.83 16.84 7.60
C8 NAG C . -19.46 16.77 6.21
N2 NAG C . -17.74 17.58 7.82
O3 NAG C . -17.51 20.01 9.15
O4 NAG C . -15.10 20.52 10.40
O5 NAG C . -15.19 16.78 10.37
O6 NAG C . -14.08 18.39 12.55
O7 NAG C . -19.31 16.18 8.53
C1 NAG C . -14.95 21.29 11.62
C2 NAG C . -14.13 22.57 11.47
C3 NAG C . -14.39 23.57 12.66
C4 NAG C . -15.88 23.77 12.89
C5 NAG C . -16.76 22.51 12.63
C6 NAG C . -18.05 22.98 11.98
C7 NAG C . -11.89 22.36 10.38
C8 NAG C . -12.29 23.02 9.12
N2 NAG C . -12.73 22.19 11.39
O3 NAG C . -13.68 24.78 12.46
O4 NAG C . -16.16 24.24 14.20
O5 NAG C . -16.31 21.56 11.68
O6 NAG C . -19.02 22.57 12.86
O7 NAG C . -10.72 21.96 10.52
C1 BMA C . -16.51 25.58 14.62
C2 BMA C . -17.24 25.65 15.96
C3 BMA C . -17.36 27.11 16.44
C4 BMA C . -16.05 27.86 16.40
C5 BMA C . -15.33 27.62 15.08
C6 BMA C . -13.92 28.17 15.14
O2 BMA C . -16.57 24.87 16.92
O3 BMA C . -17.91 27.27 17.75
O4 BMA C . -16.38 29.22 16.53
O5 BMA C . -15.26 26.22 14.77
O6 BMA C . -13.32 27.69 13.97
C1 MAN C . -19.19 27.94 17.59
C2 MAN C . -19.51 28.39 19.02
C3 MAN C . -19.86 27.18 19.90
C4 MAN C . -20.82 26.18 19.22
C5 MAN C . -20.24 25.82 17.85
C6 MAN C . -20.90 24.64 17.13
O2 MAN C . -20.54 29.36 19.08
O3 MAN C . -20.37 27.65 21.13
O4 MAN C . -20.92 25.01 19.97
O5 MAN C . -20.16 27.02 17.09
O6 MAN C . -22.29 24.82 17.03
C1 MAN C . -12.15 28.46 13.69
C2 MAN C . -11.85 28.11 12.25
C3 MAN C . -11.27 26.71 12.17
C4 MAN C . -10.37 26.29 13.34
C5 MAN C . -10.93 26.75 14.69
C6 MAN C . -10.03 26.59 15.89
O2 MAN C . -10.90 29.01 11.79
O3 MAN C . -10.59 26.55 10.95
O4 MAN C . -10.39 24.88 13.25
O5 MAN C . -11.11 28.11 14.58
O6 MAN C . -8.98 27.51 15.69
CU CU D . 2.25 6.96 -1.63
CU CU E . 1.93 2.59 -1.11
CU CU F . 3.62 4.93 1.69
CU CU G . -9.56 7.69 -4.81
C1 NAG H . -16.43 -19.94 12.90
C2 NAG H . -16.70 -21.38 13.32
C3 NAG H . -18.19 -21.71 13.46
C4 NAG H . -18.88 -20.60 14.27
C5 NAG H . -18.65 -19.33 13.41
C6 NAG H . -19.47 -18.11 13.79
C7 NAG H . -15.23 -22.99 12.44
C8 NAG H . -14.78 -23.79 11.27
N2 NAG H . -16.23 -22.18 12.23
O3 NAG H . -18.30 -23.01 13.98
O4 NAG H . -20.22 -20.95 14.56
O5 NAG H . -17.27 -18.97 13.51
O6 NAG H . -18.91 -17.68 15.00
O7 NAG H . -14.73 -23.02 13.54
C1 NAG I . -10.39 19.77 -14.83
C2 NAG I . -10.35 20.30 -16.26
C3 NAG I . -8.94 20.32 -16.78
C4 NAG I . -8.16 21.22 -15.83
C5 NAG I . -8.12 20.50 -14.49
C6 NAG I . -7.13 21.11 -13.47
C7 NAG I . -12.29 19.51 -17.26
C8 NAG I . -13.05 18.39 -17.94
N2 NAG I . -11.05 19.27 -16.95
O3 NAG I . -8.96 20.88 -18.04
O4 NAG I . -6.84 21.28 -16.30
O5 NAG I . -9.45 20.49 -14.05
O6 NAG I . -7.59 22.40 -13.14
O7 NAG I . -12.75 20.64 -17.01
C1 NAG J . 7.21 15.76 21.32
C2 NAG J . 6.12 14.69 21.64
C3 NAG J . 6.43 13.93 22.95
C4 NAG J . 7.96 13.70 23.17
C5 NAG J . 8.71 15.04 23.06
C6 NAG J . 10.19 15.06 23.47
C7 NAG J . 4.16 15.49 20.44
C8 NAG J . 2.80 16.18 20.46
N2 NAG J . 4.79 15.34 21.61
O3 NAG J . 5.76 12.68 22.96
O4 NAG J . 8.16 13.10 24.44
O5 NAG J . 8.55 15.46 21.72
O6 NAG J . 10.86 13.89 23.03
O7 NAG J . 4.72 15.07 19.40
C1 GOL K . 3.64 10.91 -7.31
O1 GOL K . 3.75 9.51 -7.21
C2 GOL K . 4.24 11.48 -8.58
O2 GOL K . 4.06 12.91 -8.51
C3 GOL K . 3.55 10.94 -9.82
O3 GOL K . 4.56 10.93 -10.88
NA NA L . 4.50 -3.84 13.96
NA NA M . -22.42 -27.96 -2.87
#